data_4FXS
#
_entry.id   4FXS
#
_cell.length_a   111.960
_cell.length_b   111.960
_cell.length_c   188.994
_cell.angle_alpha   90.000
_cell.angle_beta   90.000
_cell.angle_gamma   90.000
#
_symmetry.space_group_name_H-M   'I 4 2 2'
#
loop_
_entity.id
_entity.type
_entity.pdbx_description
1 polymer "Inosine-5'-monophosphate dehydrogenase"
2 non-polymer 'INOSINIC ACID'
3 non-polymer 'MYCOPHENOLIC ACID'
4 non-polymer 'POTASSIUM ION'
5 water water
#
_entity_poly.entity_id   1
_entity_poly.type   'polypeptide(L)'
_entity_poly.pdbx_seq_one_letter_code
;(MSE)H(MSE)LRIAKEALTFDDVLLVPAHSTVLPNTADLRTRLTKNIALNIP(MSE)VSAS(MSE)DTVTEARLAIALA
QEGGIGFIHKN(MSE)SIEQQAAQVHQVKIFEAGVVTHPVTVRPEQTIADV(MSE)ELTHYHGFAGFPVVTENNELVGII
TGRDVRFVTDLTKSVAAV(MSE)TPKERLATVKEGATGAEVQEK(MSE)HKARVEKILVVNDEFQLKG(MSE)ITAKDFH
KAESKPNACKDEQGRLRVGAAVGAAPGNEERVKALVEAGVDVLLIDSSHGHSEGVLQRIRETRAAYPHLEIIGGNVATAE
GARALIEAGVSAVKVGIGPGSICTTRIVTGVGVPQITAIADAAGVANEYGIPVIADGGIRFSGDISKAIAAGASCV
(MSE)VGS(MSE)FAGTEEAPGEVILYQGRSYKAYRG(MSE)GSLGA(MSE)SKGSSDRYFQTDNAADKLVPEGIEGRIA
YKGHLKEIIHQQ(MSE)GGLRSC(MSE)GLTGSATVEDLRTKAQFVRISGAG(MSE)KESHVHDVQITKEAPNYRLGGEN
LYFQ
;
_entity_poly.pdbx_strand_id   A
#
loop_
_chem_comp.id
_chem_comp.type
_chem_comp.name
_chem_comp.formula
IMP non-polymer 'INOSINIC ACID' 'C10 H13 N4 O8 P'
K non-polymer 'POTASSIUM ION' 'K 1'
MOA non-polymer 'MYCOPHENOLIC ACID' 'C17 H20 O6'
#
# COMPACT_ATOMS: atom_id res chain seq x y z
N MSE A 3 -3.99 -46.23 -3.42
CA MSE A 3 -3.21 -46.49 -2.17
C MSE A 3 -2.53 -45.20 -1.65
O MSE A 3 -2.91 -44.69 -0.57
CB MSE A 3 -2.20 -47.62 -2.41
CG MSE A 3 -1.77 -48.35 -1.13
SE MSE A 3 -3.21 -48.98 0.06
CE MSE A 3 -3.34 -47.60 1.44
N LEU A 4 -1.56 -44.65 -2.41
CA LEU A 4 -0.98 -43.33 -2.11
C LEU A 4 -2.06 -42.21 -2.19
N ARG A 5 -2.22 -41.37 -1.18
CA ARG A 5 -3.38 -40.47 -1.23
C ARG A 5 -3.11 -39.14 -1.99
N ILE A 6 -3.42 -39.17 -3.27
CA ILE A 6 -2.94 -38.15 -4.14
C ILE A 6 -4.04 -37.61 -5.07
N ALA A 7 -4.29 -36.31 -4.98
CA ALA A 7 -5.17 -35.66 -5.98
C ALA A 7 -4.39 -35.32 -7.24
N LYS A 8 -5.06 -34.71 -8.21
CA LYS A 8 -4.45 -34.57 -9.54
C LYS A 8 -3.16 -33.71 -9.49
N GLU A 9 -2.48 -33.61 -10.62
CA GLU A 9 -1.30 -32.78 -10.77
C GLU A 9 -1.62 -31.28 -10.53
N ALA A 10 -1.01 -30.65 -9.54
CA ALA A 10 -1.23 -29.19 -9.38
C ALA A 10 -0.22 -28.43 -10.24
N LEU A 11 -0.57 -27.22 -10.67
CA LEU A 11 0.22 -26.47 -11.66
C LEU A 11 0.67 -25.13 -11.14
N THR A 12 1.83 -24.68 -11.58
CA THR A 12 2.27 -23.33 -11.24
C THR A 12 2.44 -22.47 -12.49
N PHE A 13 2.89 -21.21 -12.37
CA PHE A 13 2.97 -20.29 -13.49
C PHE A 13 3.69 -20.86 -14.71
N ASP A 14 4.83 -21.52 -14.50
CA ASP A 14 5.60 -21.97 -15.63
C ASP A 14 5.06 -23.20 -16.34
N ASP A 15 4.05 -23.86 -15.78
CA ASP A 15 3.40 -25.01 -16.44
C ASP A 15 2.33 -24.57 -17.49
N VAL A 16 1.97 -23.27 -17.53
CA VAL A 16 0.89 -22.82 -18.41
C VAL A 16 1.24 -21.59 -19.25
N LEU A 17 0.52 -21.39 -20.37
CA LEU A 17 0.60 -20.19 -21.15
C LEU A 17 -0.82 -19.82 -21.55
N LEU A 18 -1.12 -18.54 -21.65
CA LEU A 18 -2.45 -18.11 -22.12
C LEU A 18 -2.57 -18.19 -23.60
N VAL A 19 -3.79 -18.40 -24.08
CA VAL A 19 -4.00 -18.54 -25.51
C VAL A 19 -4.45 -17.21 -26.15
N PRO A 20 -3.79 -16.78 -27.24
CA PRO A 20 -4.30 -15.62 -27.96
C PRO A 20 -5.69 -15.91 -28.55
N ALA A 21 -6.48 -14.87 -28.68
CA ALA A 21 -7.88 -15.00 -29.15
C ALA A 21 -8.23 -13.80 -30.01
N HIS A 22 -9.30 -13.91 -30.80
CA HIS A 22 -9.87 -12.73 -31.42
C HIS A 22 -9.91 -11.54 -30.48
N SER A 23 -9.41 -10.39 -30.97
CA SER A 23 -9.35 -9.16 -30.15
C SER A 23 -9.63 -7.83 -30.86
N THR A 24 -10.54 -7.04 -30.27
CA THR A 24 -10.76 -5.65 -30.64
C THR A 24 -10.13 -4.75 -29.57
N VAL A 25 -9.23 -5.31 -28.77
CA VAL A 25 -8.62 -4.57 -27.67
C VAL A 25 -7.17 -4.18 -28.01
N LEU A 26 -6.84 -2.91 -27.82
CA LEU A 26 -5.47 -2.44 -27.94
C LEU A 26 -4.91 -2.31 -26.54
N PRO A 27 -3.61 -2.59 -26.37
CA PRO A 27 -3.02 -2.50 -25.04
C PRO A 27 -3.35 -1.18 -24.29
N ASN A 28 -3.27 -0.05 -24.99
CA ASN A 28 -3.48 1.20 -24.31
C ASN A 28 -4.97 1.52 -24.06
N THR A 29 -5.89 0.82 -24.74
CA THR A 29 -7.33 0.90 -24.38
C THR A 29 -7.76 -0.14 -23.32
N ALA A 30 -6.88 -1.08 -22.96
CA ALA A 30 -7.26 -2.11 -21.97
C ALA A 30 -7.70 -1.44 -20.68
N ASP A 31 -8.72 -1.96 -20.02
CA ASP A 31 -9.18 -1.38 -18.74
C ASP A 31 -8.61 -2.16 -17.53
N LEU A 32 -7.74 -1.52 -16.75
CA LEU A 32 -7.03 -2.18 -15.59
C LEU A 32 -7.77 -2.25 -14.26
N ARG A 33 -8.94 -1.65 -14.21
CA ARG A 33 -9.66 -1.56 -12.96
C ARG A 33 -10.16 -2.93 -12.55
N THR A 34 -10.12 -3.16 -11.24
CA THR A 34 -10.55 -4.41 -10.68
C THR A 34 -10.97 -4.16 -9.23
N ARG A 35 -11.25 -5.23 -8.49
CA ARG A 35 -11.73 -5.20 -7.09
C ARG A 35 -10.69 -5.76 -6.15
N LEU A 36 -10.42 -5.06 -5.07
CA LEU A 36 -9.66 -5.65 -3.99
C LEU A 36 -10.56 -6.48 -3.09
N THR A 37 -11.71 -5.92 -2.70
CA THR A 37 -12.66 -6.69 -1.88
C THR A 37 -14.00 -6.42 -2.46
N LYS A 38 -15.01 -7.02 -1.85
CA LYS A 38 -16.35 -6.84 -2.34
C LYS A 38 -16.70 -5.35 -2.58
N ASN A 39 -16.21 -4.44 -1.72
CA ASN A 39 -16.55 -3.00 -1.89
C ASN A 39 -15.42 -2.02 -2.21
N ILE A 40 -14.19 -2.49 -2.39
CA ILE A 40 -13.08 -1.56 -2.65
C ILE A 40 -12.48 -1.81 -4.02
N ALA A 41 -12.45 -0.76 -4.83
CA ALA A 41 -12.05 -0.83 -6.24
C ALA A 41 -10.57 -0.54 -6.33
N LEU A 42 -9.88 -1.17 -7.26
CA LEU A 42 -8.49 -0.81 -7.51
C LEU A 42 -8.48 -0.23 -8.90
N ASN A 43 -7.55 0.68 -9.14
CA ASN A 43 -7.30 1.09 -10.50
C ASN A 43 -6.34 0.20 -11.23
N ILE A 44 -5.49 -0.52 -10.48
CA ILE A 44 -4.56 -1.52 -11.09
C ILE A 44 -4.62 -2.73 -10.18
N PRO A 45 -4.46 -3.94 -10.76
CA PRO A 45 -4.61 -5.16 -9.98
C PRO A 45 -3.38 -5.54 -9.19
N MSE A 46 -2.78 -4.55 -8.51
CA MSE A 46 -1.65 -4.81 -7.62
C MSE A 46 -1.83 -4.27 -6.20
O MSE A 46 -2.19 -3.12 -6.01
CB MSE A 46 -0.37 -4.21 -8.20
CG MSE A 46 -0.19 -4.47 -9.66
SE MSE A 46 1.54 -3.96 -10.33
CE MSE A 46 2.50 -5.46 -9.52
N VAL A 47 -1.55 -5.13 -5.21
CA VAL A 47 -1.30 -4.69 -3.84
C VAL A 47 0.12 -5.06 -3.38
N SER A 48 0.69 -4.30 -2.45
CA SER A 48 2.04 -4.61 -1.97
C SER A 48 2.00 -5.43 -0.69
N ALA A 49 2.93 -6.37 -0.54
CA ALA A 49 2.99 -7.28 0.62
C ALA A 49 3.15 -6.57 1.93
N SER A 50 2.64 -7.18 2.99
CA SER A 50 2.78 -6.55 4.28
C SER A 50 4.09 -6.98 4.96
N MSE A 51 5.21 -6.45 4.48
CA MSE A 51 6.51 -6.98 4.96
C MSE A 51 7.40 -5.81 5.38
O MSE A 51 7.34 -4.75 4.73
CB MSE A 51 7.14 -7.84 3.85
CG MSE A 51 6.22 -8.98 3.33
SE MSE A 51 7.01 -9.94 1.77
CE MSE A 51 8.40 -10.76 2.78
N ASP A 52 8.18 -6.00 6.45
CA ASP A 52 9.06 -4.91 6.89
C ASP A 52 10.17 -4.54 5.91
N THR A 53 10.24 -5.25 4.77
CA THR A 53 11.18 -4.85 3.73
C THR A 53 10.55 -4.43 2.44
N VAL A 54 9.22 -4.26 2.47
CA VAL A 54 8.42 -3.85 1.28
C VAL A 54 7.58 -2.61 1.57
N THR A 55 6.72 -2.67 2.60
CA THR A 55 5.69 -1.64 2.73
C THR A 55 5.64 -0.89 4.06
N GLU A 56 6.04 0.36 4.03
CA GLU A 56 5.72 1.36 5.08
C GLU A 56 5.06 2.50 4.35
N ALA A 57 4.83 3.62 5.05
CA ALA A 57 4.00 4.69 4.50
C ALA A 57 4.53 5.13 3.15
N ARG A 58 5.86 5.17 3.07
CA ARG A 58 6.48 5.72 1.89
C ARG A 58 5.94 4.96 0.66
N LEU A 59 6.09 3.65 0.67
CA LEU A 59 5.65 2.89 -0.49
C LEU A 59 4.11 2.83 -0.59
N ALA A 60 3.43 2.72 0.54
CA ALA A 60 1.97 2.72 0.49
C ALA A 60 1.41 3.97 -0.29
N ILE A 61 2.04 5.11 -0.08
CA ILE A 61 1.55 6.33 -0.70
C ILE A 61 1.87 6.28 -2.18
N ALA A 62 3.11 5.87 -2.49
CA ALA A 62 3.50 5.83 -3.88
C ALA A 62 2.64 4.85 -4.67
N LEU A 63 2.31 3.71 -4.07
CA LEU A 63 1.48 2.70 -4.74
C LEU A 63 0.02 3.15 -4.97
N ALA A 64 -0.56 3.77 -3.95
CA ALA A 64 -1.91 4.26 -4.04
C ALA A 64 -2.00 5.35 -5.12
N GLN A 65 -0.95 6.17 -5.23
CA GLN A 65 -0.95 7.22 -6.25
C GLN A 65 -1.01 6.63 -7.66
N GLU A 66 -0.47 5.40 -7.82
CA GLU A 66 -0.46 4.68 -9.10
C GLU A 66 -1.70 3.77 -9.31
N GLY A 67 -2.51 3.60 -8.28
CA GLY A 67 -3.78 2.90 -8.50
C GLY A 67 -3.98 1.63 -7.67
N GLY A 68 -2.97 1.28 -6.88
CA GLY A 68 -3.02 0.08 -6.04
C GLY A 68 -3.22 0.39 -4.57
N ILE A 69 -2.98 -0.58 -3.67
CA ILE A 69 -3.05 -0.31 -2.24
C ILE A 69 -1.89 -0.98 -1.50
N GLY A 70 -1.20 -0.24 -0.64
CA GLY A 70 -0.12 -0.81 0.17
C GLY A 70 -0.64 -1.33 1.49
N PHE A 71 -0.01 -2.35 2.04
CA PHE A 71 -0.46 -2.91 3.31
C PHE A 71 0.65 -2.69 4.31
N ILE A 72 0.48 -1.77 5.27
CA ILE A 72 1.51 -1.51 6.30
C ILE A 72 1.73 -2.76 7.16
N HIS A 73 2.99 -3.12 7.40
CA HIS A 73 3.32 -4.36 8.12
C HIS A 73 3.16 -4.12 9.58
N LYS A 74 3.08 -5.21 10.33
CA LYS A 74 2.78 -5.19 11.76
C LYS A 74 4.02 -5.28 12.66
N ASN A 75 5.22 -5.24 12.09
CA ASN A 75 6.42 -5.40 12.91
C ASN A 75 6.92 -4.14 13.54
N MSE A 76 6.01 -3.50 14.27
CA MSE A 76 6.21 -2.21 14.90
C MSE A 76 5.06 -2.08 15.90
O MSE A 76 4.13 -2.86 15.90
CB MSE A 76 6.17 -1.06 13.86
CG MSE A 76 4.83 -0.85 13.27
SE MSE A 76 4.72 0.52 11.98
CE MSE A 76 5.68 -0.44 10.62
N SER A 77 5.14 -1.08 16.76
CA SER A 77 4.16 -0.88 17.82
C SER A 77 2.86 -0.41 17.22
N ILE A 78 1.81 -0.49 18.05
CA ILE A 78 0.46 -0.10 17.64
C ILE A 78 0.43 1.34 17.16
N GLU A 79 0.86 2.24 18.02
CA GLU A 79 0.90 3.66 17.66
C GLU A 79 1.78 3.89 16.43
N GLN A 80 2.88 3.14 16.32
CA GLN A 80 3.71 3.25 15.14
C GLN A 80 2.88 2.92 13.88
N GLN A 81 2.10 1.86 13.98
CA GLN A 81 1.36 1.39 12.82
C GLN A 81 0.21 2.33 12.48
N ALA A 82 -0.53 2.73 13.52
CA ALA A 82 -1.57 3.70 13.35
C ALA A 82 -1.00 5.00 12.76
N ALA A 83 0.12 5.47 13.28
CA ALA A 83 0.76 6.69 12.68
C ALA A 83 1.04 6.52 11.18
N GLN A 84 1.55 5.35 10.78
CA GLN A 84 1.80 5.06 9.35
C GLN A 84 0.50 5.18 8.53
N VAL A 85 -0.57 4.54 9.00
CA VAL A 85 -1.85 4.59 8.29
C VAL A 85 -2.33 6.04 8.14
N HIS A 86 -2.36 6.73 9.27
CA HIS A 86 -2.71 8.13 9.31
C HIS A 86 -1.93 8.97 8.33
N GLN A 87 -0.60 8.82 8.32
CA GLN A 87 0.24 9.48 7.33
C GLN A 87 -0.31 9.28 5.91
N VAL A 88 -0.71 8.05 5.58
CA VAL A 88 -1.15 7.79 4.20
C VAL A 88 -2.47 8.50 3.97
N LYS A 89 -3.39 8.36 4.94
CA LYS A 89 -4.71 8.99 4.85
C LYS A 89 -4.72 10.53 4.68
N ILE A 90 -3.70 11.20 5.20
CA ILE A 90 -3.72 12.65 5.17
C ILE A 90 -2.84 13.18 4.07
N PHE A 91 -2.19 12.27 3.36
CA PHE A 91 -1.24 12.71 2.39
C PHE A 91 -1.89 13.66 1.37
N GLU A 92 -1.22 14.78 1.13
CA GLU A 92 -1.80 15.85 0.31
CA GLU A 92 -1.79 15.86 0.31
C GLU A 92 -1.06 16.05 -1.03
N ALA A 93 0.25 16.33 -0.97
CA ALA A 93 1.03 16.70 -2.16
C ALA A 93 0.80 15.77 -3.36
N VAL A 96 -0.03 22.36 0.63
CA VAL A 96 0.11 23.28 1.77
C VAL A 96 1.48 23.99 1.74
N THR A 97 1.51 25.25 2.13
CA THR A 97 2.75 26.01 2.39
C THR A 97 2.76 26.44 3.87
N HIS A 98 3.92 26.83 4.37
CA HIS A 98 4.09 27.11 5.81
C HIS A 98 4.87 28.39 6.00
N PRO A 99 4.17 29.54 5.98
CA PRO A 99 4.80 30.86 5.85
C PRO A 99 5.67 31.29 7.04
N VAL A 100 6.40 32.38 6.85
CA VAL A 100 7.18 32.97 7.90
C VAL A 100 6.17 33.70 8.82
N THR A 101 6.51 33.82 10.10
CA THR A 101 5.54 34.14 11.18
C THR A 101 6.15 34.97 12.32
N VAL A 102 5.34 35.75 13.05
CA VAL A 102 5.85 36.59 14.13
C VAL A 102 5.06 36.45 15.43
N ARG A 103 5.51 37.12 16.50
CA ARG A 103 4.86 37.09 17.82
C ARG A 103 4.09 38.37 18.12
N PRO A 104 3.02 38.28 18.93
CA PRO A 104 2.23 39.43 19.42
C PRO A 104 3.07 40.36 20.29
N GLU A 105 4.22 39.86 20.73
CA GLU A 105 5.13 40.58 21.62
C GLU A 105 6.25 41.30 20.86
N GLN A 106 6.63 40.75 19.70
CA GLN A 106 7.61 41.36 18.77
C GLN A 106 7.19 42.73 18.28
N THR A 107 8.18 43.61 18.11
CA THR A 107 7.95 45.02 17.78
C THR A 107 7.96 45.24 16.28
N ILE A 108 7.54 46.45 15.87
CA ILE A 108 7.54 46.82 14.45
C ILE A 108 8.97 46.79 13.86
N ALA A 109 9.92 47.22 14.68
CA ALA A 109 11.36 47.14 14.35
C ALA A 109 11.79 45.70 14.01
N ASP A 110 11.38 44.74 14.84
CA ASP A 110 11.53 43.32 14.50
C ASP A 110 10.98 43.01 13.10
N VAL A 111 9.84 43.62 12.75
CA VAL A 111 9.18 43.29 11.48
C VAL A 111 9.99 43.91 10.35
N MSE A 112 10.30 45.19 10.50
CA MSE A 112 11.10 45.90 9.50
C MSE A 112 12.49 45.30 9.28
O MSE A 112 13.02 45.36 8.16
CB MSE A 112 11.26 47.35 9.88
CG MSE A 112 11.21 48.21 8.67
SE MSE A 112 9.37 48.46 8.10
CE MSE A 112 8.83 49.65 9.54
N GLU A 113 13.06 44.72 10.35
CA GLU A 113 14.26 43.88 10.28
C GLU A 113 14.11 42.71 9.27
N LEU A 114 12.90 42.14 9.20
CA LEU A 114 12.60 40.99 8.33
C LEU A 114 12.22 41.38 6.90
N THR A 115 11.38 42.39 6.77
CA THR A 115 10.88 42.82 5.46
C THR A 115 11.94 43.51 4.60
N HIS A 116 12.81 44.30 5.25
CA HIS A 116 13.82 45.14 4.58
C HIS A 116 13.21 46.31 3.82
N TYR A 117 12.30 47.06 4.49
CA TYR A 117 11.70 48.30 3.95
C TYR A 117 11.16 48.31 2.50
N HIS A 118 10.94 47.12 1.92
CA HIS A 118 10.23 46.96 0.64
CA HIS A 118 10.22 47.00 0.66
C HIS A 118 9.04 46.09 0.90
N GLY A 119 7.94 46.33 0.17
CA GLY A 119 6.63 45.68 0.39
C GLY A 119 6.56 44.19 0.67
N PHE A 120 5.52 43.79 1.41
CA PHE A 120 5.32 42.35 1.75
C PHE A 120 3.84 41.97 1.91
N ALA A 121 3.53 40.70 1.65
CA ALA A 121 2.16 40.17 1.80
C ALA A 121 1.64 40.31 3.24
N GLY A 122 2.27 39.58 4.17
CA GLY A 122 1.88 39.62 5.57
C GLY A 122 2.52 38.51 6.38
N PHE A 123 2.41 38.64 7.70
CA PHE A 123 2.93 37.65 8.64
C PHE A 123 1.83 37.20 9.59
N PRO A 124 1.47 35.90 9.56
CA PRO A 124 0.56 35.30 10.53
C PRO A 124 1.15 35.43 11.95
N VAL A 125 0.35 35.90 12.91
CA VAL A 125 0.83 36.13 14.27
C VAL A 125 0.52 34.93 15.19
N VAL A 126 1.56 34.42 15.87
CA VAL A 126 1.43 33.25 16.78
C VAL A 126 1.89 33.48 18.24
N THR A 127 1.22 32.77 19.17
CA THR A 127 1.47 32.85 20.64
C THR A 127 2.71 32.03 21.09
N GLU A 128 3.00 32.05 22.40
CA GLU A 128 4.13 31.31 23.00
C GLU A 128 4.31 29.96 22.33
N ASN A 129 3.23 29.16 22.31
CA ASN A 129 3.13 27.90 21.58
C ASN A 129 1.65 27.51 21.58
N ASN A 130 1.00 27.38 20.42
CA ASN A 130 1.42 27.85 19.09
C ASN A 130 0.19 28.53 18.48
N GLU A 131 -0.64 29.06 19.37
CA GLU A 131 -1.96 29.61 19.05
C GLU A 131 -1.84 30.71 17.99
N LEU A 132 -2.82 30.76 17.07
CA LEU A 132 -2.91 31.84 16.07
C LEU A 132 -3.82 32.98 16.57
N VAL A 133 -3.24 34.18 16.76
CA VAL A 133 -3.98 35.33 17.32
C VAL A 133 -4.19 36.53 16.37
N GLY A 134 -3.76 36.38 15.12
CA GLY A 134 -4.04 37.39 14.10
C GLY A 134 -3.10 37.43 12.92
N ILE A 135 -3.14 38.53 12.17
CA ILE A 135 -2.18 38.78 11.09
C ILE A 135 -1.73 40.26 10.97
N ILE A 136 -0.51 40.45 10.50
CA ILE A 136 0.02 41.80 10.26
C ILE A 136 0.49 41.83 8.81
N THR A 137 -0.03 42.81 8.07
CA THR A 137 0.19 42.91 6.64
C THR A 137 1.05 44.09 6.25
N GLY A 138 1.64 43.99 5.05
CA GLY A 138 2.34 45.09 4.42
C GLY A 138 1.55 46.38 4.37
N ARG A 139 0.24 46.28 4.66
CA ARG A 139 -0.63 47.46 4.67
CA ARG A 139 -0.64 47.45 4.67
C ARG A 139 -1.01 47.84 6.10
N ASP A 140 -0.72 46.97 7.07
CA ASP A 140 -0.93 47.27 8.48
C ASP A 140 0.22 48.14 8.97
N VAL A 141 1.37 47.99 8.31
CA VAL A 141 2.65 48.58 8.73
C VAL A 141 3.13 49.77 7.87
N ARG A 142 2.82 49.77 6.57
CA ARG A 142 3.35 50.79 5.65
C ARG A 142 3.42 52.16 6.29
N PHE A 143 2.38 52.52 7.05
CA PHE A 143 2.35 53.84 7.70
C PHE A 143 2.32 53.85 9.24
N VAL A 144 3.01 52.86 9.85
CA VAL A 144 3.26 52.87 11.29
C VAL A 144 4.72 53.26 11.53
N THR A 145 4.90 54.41 12.16
CA THR A 145 6.21 55.07 12.39
C THR A 145 6.89 54.49 13.62
N ASP A 146 6.12 54.43 14.71
CA ASP A 146 6.57 53.99 16.02
C ASP A 146 7.09 52.55 15.94
N LEU A 147 8.41 52.40 15.76
CA LEU A 147 9.04 51.06 15.66
C LEU A 147 8.97 50.28 16.97
N THR A 148 8.55 50.95 18.04
CA THR A 148 8.48 50.31 19.36
C THR A 148 7.18 49.55 19.63
N LYS A 149 6.08 49.91 18.95
CA LYS A 149 4.80 49.19 19.11
C LYS A 149 4.95 47.70 18.90
N SER A 150 4.29 46.94 19.78
CA SER A 150 4.19 45.49 19.65
C SER A 150 3.21 45.15 18.55
N VAL A 151 3.50 44.09 17.80
CA VAL A 151 2.66 43.60 16.70
C VAL A 151 1.16 43.48 17.02
N ALA A 152 0.83 43.36 18.30
CA ALA A 152 -0.54 43.08 18.75
C ALA A 152 -1.47 44.29 18.82
N ALA A 153 -0.88 45.48 18.96
CA ALA A 153 -1.67 46.72 18.98
C ALA A 153 -1.98 47.24 17.55
N VAL A 154 -1.34 46.64 16.54
CA VAL A 154 -1.52 47.00 15.12
C VAL A 154 -1.91 45.84 14.20
N MSE A 155 -1.89 44.62 14.73
CA MSE A 155 -2.31 43.47 13.92
C MSE A 155 -3.82 43.50 13.64
O MSE A 155 -4.62 44.08 14.39
CB MSE A 155 -1.87 42.13 14.54
CG MSE A 155 -2.55 41.76 15.87
SE MSE A 155 -2.02 40.00 16.57
CE MSE A 155 -2.98 40.09 18.27
N THR A 156 -4.15 42.91 12.50
CA THR A 156 -5.49 42.47 12.17
C THR A 156 -5.87 41.33 13.15
N PRO A 157 -6.95 41.52 13.95
CA PRO A 157 -7.24 40.63 15.09
C PRO A 157 -7.68 39.25 14.64
N LYS A 158 -7.84 38.35 15.61
CA LYS A 158 -8.18 36.94 15.35
C LYS A 158 -9.36 36.75 14.35
N GLU A 159 -10.44 37.51 14.54
CA GLU A 159 -11.70 37.33 13.81
C GLU A 159 -11.73 37.76 12.32
N ARG A 160 -10.74 38.53 11.87
CA ARG A 160 -10.73 38.97 10.49
C ARG A 160 -9.97 37.99 9.57
N LEU A 161 -9.46 36.91 10.15
CA LEU A 161 -8.73 35.87 9.38
C LEU A 161 -9.69 34.85 8.71
N ALA A 162 -9.33 34.35 7.53
CA ALA A 162 -10.12 33.31 6.89
C ALA A 162 -9.39 31.97 7.01
N THR A 163 -10.00 30.99 7.70
CA THR A 163 -9.31 29.77 8.13
C THR A 163 -10.02 28.46 7.80
N VAL A 164 -9.28 27.35 7.81
CA VAL A 164 -9.84 25.98 7.72
C VAL A 164 -9.17 24.99 8.69
N LYS A 165 -9.94 24.01 9.16
CA LYS A 165 -9.40 22.89 9.97
C LYS A 165 -8.73 21.90 9.02
N GLU A 166 -7.61 21.32 9.46
CA GLU A 166 -6.83 20.35 8.66
C GLU A 166 -7.68 19.19 8.09
N GLY A 167 -7.38 18.77 6.86
CA GLY A 167 -8.17 17.74 6.17
C GLY A 167 -8.82 18.21 4.87
N GLU A 172 -12.33 18.22 -0.89
CA GLU A 172 -11.49 19.38 -1.11
C GLU A 172 -12.04 20.54 -0.29
N VAL A 173 -11.10 21.28 0.30
CA VAL A 173 -11.35 22.53 1.05
C VAL A 173 -11.55 23.70 0.08
N GLN A 174 -11.06 23.50 -1.15
CA GLN A 174 -11.16 24.45 -2.26
C GLN A 174 -12.60 24.93 -2.50
N GLU A 175 -13.57 24.23 -1.89
CA GLU A 175 -14.96 24.65 -1.90
C GLU A 175 -15.20 25.86 -0.99
N LYS A 176 -14.69 25.82 0.25
CA LYS A 176 -14.87 26.94 1.19
C LYS A 176 -14.26 28.25 0.64
N MSE A 177 -13.14 28.11 -0.06
CA MSE A 177 -12.53 29.21 -0.83
C MSE A 177 -13.36 29.55 -2.07
O MSE A 177 -12.98 29.23 -3.20
CB MSE A 177 -11.08 28.83 -1.22
CG MSE A 177 -10.03 28.89 -0.08
SE MSE A 177 -8.30 27.96 -0.42
CE MSE A 177 -8.29 27.92 -2.36
N HIS A 178 -14.52 30.19 -1.85
CA HIS A 178 -15.46 30.63 -2.91
C HIS A 178 -16.60 31.44 -2.34
N VAL A 182 -12.58 34.40 -1.40
CA VAL A 182 -11.31 34.41 -0.66
C VAL A 182 -10.31 33.34 -1.16
N GLU A 183 -9.02 33.69 -1.30
CA GLU A 183 -8.04 32.88 -2.07
C GLU A 183 -6.73 32.42 -1.37
N LYS A 184 -6.54 32.84 -0.12
CA LYS A 184 -5.51 32.30 0.76
C LYS A 184 -6.23 31.92 2.06
N ILE A 185 -6.01 30.72 2.55
CA ILE A 185 -6.68 30.29 3.78
C ILE A 185 -5.72 29.65 4.80
N LEU A 186 -5.79 30.10 6.07
CA LEU A 186 -4.95 29.58 7.18
C LEU A 186 -5.47 28.26 7.84
N VAL A 187 -4.69 27.18 7.70
CA VAL A 187 -5.01 25.87 8.32
C VAL A 187 -4.79 25.86 9.84
N VAL A 188 -5.87 25.63 10.58
CA VAL A 188 -5.79 25.52 12.04
C VAL A 188 -6.11 24.07 12.52
N ASN A 189 -5.97 23.84 13.83
CA ASN A 189 -6.47 22.61 14.48
C ASN A 189 -7.53 22.95 15.57
N ASP A 190 -7.79 22.02 16.48
CA ASP A 190 -8.92 22.17 17.41
C ASP A 190 -8.65 23.15 18.56
N GLU A 191 -7.38 23.47 18.80
CA GLU A 191 -6.99 24.49 19.78
C GLU A 191 -6.55 25.82 19.11
N PHE A 192 -7.11 26.08 17.91
CA PHE A 192 -6.81 27.27 17.08
C PHE A 192 -5.32 27.49 16.84
N GLN A 193 -4.63 26.39 16.56
CA GLN A 193 -3.17 26.37 16.50
C GLN A 193 -2.76 26.26 15.02
N LEU A 194 -1.84 27.12 14.58
CA LEU A 194 -1.53 27.22 13.15
C LEU A 194 -0.76 26.04 12.61
N LYS A 195 -1.17 25.54 11.45
CA LYS A 195 -0.51 24.40 10.81
C LYS A 195 -0.01 24.67 9.37
N GLY A 196 -0.26 25.88 8.86
CA GLY A 196 0.14 26.22 7.48
C GLY A 196 -0.85 27.10 6.74
N MSE A 197 -0.85 26.99 5.41
CA MSE A 197 -1.62 27.87 4.52
C MSE A 197 -1.72 27.26 3.13
O MSE A 197 -0.76 26.70 2.62
CB MSE A 197 -0.98 29.27 4.42
CG MSE A 197 -1.74 30.28 3.51
SE MSE A 197 -0.93 32.06 3.22
CE MSE A 197 0.24 31.65 1.69
N ILE A 198 -2.89 27.40 2.51
CA ILE A 198 -3.10 26.87 1.17
C ILE A 198 -3.70 27.95 0.30
N THR A 199 -3.12 28.13 -0.89
CA THR A 199 -3.42 29.28 -1.75
C THR A 199 -3.94 28.90 -3.17
N ALA A 200 -5.24 28.63 -3.29
CA ALA A 200 -5.92 28.46 -4.59
C ALA A 200 -5.12 27.90 -5.79
N LYS A 201 -4.60 26.67 -5.63
CA LYS A 201 -4.00 25.88 -6.74
C LYS A 201 -4.28 24.38 -6.55
N GLU A 207 -4.37 17.72 -12.19
CA GLU A 207 -4.13 16.45 -11.48
C GLU A 207 -2.87 15.69 -11.96
N SER A 208 -1.82 15.76 -11.13
CA SER A 208 -0.60 14.96 -11.32
C SER A 208 -0.85 13.42 -11.37
N LYS A 209 -1.78 12.90 -10.56
CA LYS A 209 -1.93 11.42 -10.39
C LYS A 209 -3.35 10.91 -10.62
N PRO A 210 -3.80 10.86 -11.89
CA PRO A 210 -5.21 10.54 -12.18
C PRO A 210 -5.64 9.12 -11.89
N ASN A 211 -4.68 8.20 -11.80
CA ASN A 211 -5.03 6.80 -11.52
C ASN A 211 -5.05 6.47 -10.05
N ALA A 212 -5.00 7.51 -9.21
CA ALA A 212 -4.87 7.31 -7.78
C ALA A 212 -6.03 6.48 -7.24
N CYS A 213 -5.73 5.53 -6.38
CA CYS A 213 -6.75 4.76 -5.70
C CYS A 213 -7.22 5.51 -4.47
N LYS A 214 -8.47 5.98 -4.48
CA LYS A 214 -8.94 6.87 -3.42
C LYS A 214 -10.29 6.49 -2.86
N ASP A 215 -10.52 6.90 -1.60
CA ASP A 215 -11.77 6.62 -0.92
C ASP A 215 -12.85 7.64 -1.31
N GLU A 216 -14.07 7.46 -0.80
CA GLU A 216 -15.20 8.31 -1.20
CA GLU A 216 -15.22 8.31 -1.14
C GLU A 216 -14.93 9.80 -0.93
N GLN A 217 -14.03 10.11 0.00
CA GLN A 217 -13.68 11.51 0.26
C GLN A 217 -12.39 12.01 -0.44
N GLY A 218 -11.87 11.25 -1.40
CA GLY A 218 -10.68 11.66 -2.16
C GLY A 218 -9.35 11.48 -1.44
N ARG A 219 -9.35 10.75 -0.32
CA ARG A 219 -8.10 10.33 0.32
C ARG A 219 -7.56 9.00 -0.26
N LEU A 220 -6.25 8.92 -0.39
CA LEU A 220 -5.54 7.70 -0.74
C LEU A 220 -5.96 6.60 0.18
N ARG A 221 -6.19 5.42 -0.41
CA ARG A 221 -6.50 4.20 0.31
C ARG A 221 -5.25 3.57 0.91
N VAL A 222 -5.38 2.93 2.07
CA VAL A 222 -4.27 2.22 2.65
C VAL A 222 -4.83 1.00 3.35
N GLY A 223 -4.03 -0.08 3.45
CA GLY A 223 -4.40 -1.28 4.22
C GLY A 223 -3.40 -1.46 5.35
N ALA A 224 -3.62 -2.39 6.28
CA ALA A 224 -2.61 -2.65 7.32
C ALA A 224 -2.86 -4.01 7.85
N ALA A 225 -1.79 -4.71 8.19
CA ALA A 225 -1.86 -6.11 8.60
C ALA A 225 -1.81 -6.25 10.10
N VAL A 226 -2.49 -7.24 10.66
CA VAL A 226 -2.40 -7.50 12.09
C VAL A 226 -2.02 -8.92 12.44
N GLY A 227 -2.27 -9.88 11.58
CA GLY A 227 -2.00 -11.25 12.06
C GLY A 227 -2.95 -11.81 13.13
N ALA A 228 -2.86 -13.12 13.35
CA ALA A 228 -3.98 -13.86 13.85
C ALA A 228 -3.91 -14.22 15.30
N ALA A 229 -2.74 -14.06 15.91
CA ALA A 229 -2.57 -14.36 17.35
C ALA A 229 -3.62 -13.67 18.24
N PRO A 230 -3.94 -14.27 19.40
CA PRO A 230 -4.86 -13.54 20.30
C PRO A 230 -4.29 -12.19 20.75
N GLY A 231 -5.16 -11.27 21.11
CA GLY A 231 -4.71 -9.99 21.66
C GLY A 231 -4.49 -8.90 20.63
N ASN A 232 -5.08 -9.05 19.46
CA ASN A 232 -4.89 -8.05 18.44
C ASN A 232 -5.88 -6.91 18.46
N GLU A 233 -6.81 -6.96 19.43
CA GLU A 233 -7.98 -6.07 19.45
C GLU A 233 -7.60 -4.62 19.50
N GLU A 234 -6.61 -4.33 20.34
CA GLU A 234 -6.13 -2.95 20.53
CA GLU A 234 -6.15 -2.96 20.53
C GLU A 234 -5.55 -2.43 19.23
N ARG A 235 -4.72 -3.26 18.57
CA ARG A 235 -4.14 -2.89 17.29
C ARG A 235 -5.22 -2.61 16.21
N VAL A 236 -6.15 -3.55 16.04
CA VAL A 236 -7.26 -3.36 15.07
C VAL A 236 -7.97 -2.03 15.36
N LYS A 237 -8.27 -1.79 16.63
CA LYS A 237 -9.07 -0.64 17.00
C LYS A 237 -8.36 0.64 16.55
N ALA A 238 -7.06 0.71 16.89
CA ALA A 238 -6.27 1.89 16.53
C ALA A 238 -6.14 2.07 15.02
N LEU A 239 -6.14 0.95 14.27
CA LEU A 239 -5.98 1.05 12.81
C LEU A 239 -7.26 1.56 12.14
N VAL A 240 -8.38 1.03 12.60
CA VAL A 240 -9.71 1.49 12.19
C VAL A 240 -9.82 2.98 12.56
N GLU A 241 -9.42 3.33 13.79
CA GLU A 241 -9.48 4.74 14.22
C GLU A 241 -8.53 5.65 13.46
N ALA A 242 -7.46 5.07 12.91
CA ALA A 242 -6.61 5.88 12.08
C ALA A 242 -7.13 6.00 10.62
N GLY A 243 -8.30 5.42 10.32
CA GLY A 243 -8.95 5.51 8.98
C GLY A 243 -8.46 4.44 7.97
N VAL A 244 -7.93 3.33 8.46
CA VAL A 244 -7.49 2.27 7.54
C VAL A 244 -8.65 1.86 6.61
N ASP A 245 -8.39 1.68 5.31
CA ASP A 245 -9.47 1.31 4.40
C ASP A 245 -9.78 -0.16 4.42
N VAL A 246 -8.80 -0.98 4.78
CA VAL A 246 -8.98 -2.44 4.68
C VAL A 246 -8.00 -3.11 5.63
N LEU A 247 -8.50 -4.09 6.38
CA LEU A 247 -7.71 -4.75 7.40
C LEU A 247 -7.33 -6.10 6.81
N LEU A 248 -6.05 -6.45 6.92
CA LEU A 248 -5.61 -7.74 6.50
C LEU A 248 -5.25 -8.56 7.75
N ILE A 249 -5.89 -9.71 7.92
CA ILE A 249 -5.51 -10.65 8.96
C ILE A 249 -4.66 -11.72 8.19
N ASP A 250 -3.34 -11.60 8.28
CA ASP A 250 -2.41 -12.36 7.46
C ASP A 250 -1.84 -13.50 8.30
N SER A 251 -1.83 -14.73 7.76
CA SER A 251 -1.27 -15.89 8.46
C SER A 251 -0.65 -16.89 7.49
N SER A 252 0.30 -17.68 7.98
CA SER A 252 0.92 -18.68 7.14
C SER A 252 -0.08 -19.80 7.06
N HIS A 253 -1.15 -19.74 7.85
CA HIS A 253 -2.18 -20.81 7.79
C HIS A 253 -3.62 -20.40 7.97
N GLY A 254 -4.23 -19.94 6.89
CA GLY A 254 -5.57 -19.33 7.00
C GLY A 254 -6.64 -20.36 7.31
N HIS A 255 -6.29 -21.64 7.12
CA HIS A 255 -7.28 -22.67 7.41
C HIS A 255 -7.15 -23.11 8.86
N SER A 256 -6.39 -22.40 9.67
CA SER A 256 -6.28 -22.76 11.08
CA SER A 256 -6.28 -22.75 11.08
C SER A 256 -7.45 -22.15 11.86
N GLU A 257 -8.04 -22.93 12.75
CA GLU A 257 -9.15 -22.49 13.56
C GLU A 257 -8.89 -21.10 14.19
N GLY A 258 -7.66 -20.90 14.68
CA GLY A 258 -7.24 -19.65 15.30
C GLY A 258 -7.51 -18.49 14.38
N VAL A 259 -7.15 -18.65 13.14
CA VAL A 259 -7.33 -17.60 12.17
C VAL A 259 -8.81 -17.34 11.88
N LEU A 260 -9.58 -18.40 11.69
CA LEU A 260 -10.99 -18.30 11.39
C LEU A 260 -11.71 -17.60 12.57
N GLN A 261 -11.37 -18.01 13.80
CA GLN A 261 -11.92 -17.39 14.99
C GLN A 261 -11.64 -15.88 15.01
N ARG A 262 -10.38 -15.50 14.75
CA ARG A 262 -9.99 -14.12 14.80
C ARG A 262 -10.78 -13.31 13.74
N ILE A 263 -10.99 -13.92 12.56
CA ILE A 263 -11.72 -13.26 11.51
C ILE A 263 -13.19 -13.06 11.97
N ARG A 264 -13.81 -14.12 12.50
CA ARG A 264 -15.19 -14.07 13.05
C ARG A 264 -15.39 -12.91 14.03
N GLU A 265 -14.48 -12.81 15.01
CA GLU A 265 -14.54 -11.79 16.04
C GLU A 265 -14.43 -10.39 15.44
N THR A 266 -13.52 -10.22 14.50
CA THR A 266 -13.31 -8.90 13.89
C THR A 266 -14.52 -8.48 13.04
N ARG A 267 -15.08 -9.43 12.29
CA ARG A 267 -16.29 -9.22 11.49
C ARG A 267 -17.42 -8.73 12.46
N ALA A 268 -17.58 -9.44 13.59
CA ALA A 268 -18.65 -9.11 14.52
C ALA A 268 -18.41 -7.73 15.15
N ALA A 269 -17.15 -7.38 15.38
CA ALA A 269 -16.90 -6.11 16.00
C ALA A 269 -16.96 -4.93 14.99
N TYR A 270 -16.69 -5.16 13.71
CA TYR A 270 -16.70 -4.08 12.69
C TYR A 270 -17.41 -4.63 11.45
N PRO A 271 -18.75 -4.69 11.50
CA PRO A 271 -19.54 -5.31 10.44
C PRO A 271 -19.36 -4.65 9.05
N HIS A 272 -18.96 -3.38 9.03
CA HIS A 272 -18.64 -2.63 7.79
C HIS A 272 -17.19 -2.60 7.39
N LEU A 273 -16.30 -3.15 8.23
CA LEU A 273 -14.88 -3.14 7.90
C LEU A 273 -14.53 -4.18 6.76
N GLU A 274 -13.85 -3.73 5.71
CA GLU A 274 -13.39 -4.67 4.68
C GLU A 274 -12.21 -5.37 5.29
N ILE A 275 -12.24 -6.68 5.23
CA ILE A 275 -11.25 -7.49 5.86
C ILE A 275 -10.75 -8.49 4.81
N ILE A 276 -9.43 -8.62 4.69
CA ILE A 276 -8.84 -9.68 3.88
C ILE A 276 -8.37 -10.80 4.81
N GLY A 277 -8.72 -12.04 4.51
CA GLY A 277 -8.24 -13.14 5.30
C GLY A 277 -7.44 -14.08 4.40
N GLY A 278 -6.46 -14.78 4.99
CA GLY A 278 -5.69 -15.84 4.27
C GLY A 278 -4.45 -16.17 5.11
N ASN A 279 -3.54 -17.01 4.60
CA ASN A 279 -3.59 -17.50 3.21
C ASN A 279 -4.11 -18.90 3.14
N VAL A 280 -4.81 -19.21 2.07
CA VAL A 280 -5.20 -20.59 1.87
C VAL A 280 -4.72 -21.02 0.49
N ALA A 281 -4.91 -22.29 0.16
CA ALA A 281 -4.48 -22.85 -1.12
C ALA A 281 -5.46 -23.87 -1.64
N THR A 282 -6.64 -23.96 -1.03
CA THR A 282 -7.70 -24.98 -1.39
C THR A 282 -9.11 -24.35 -1.45
N ALA A 283 -10.01 -25.06 -2.11
CA ALA A 283 -11.45 -24.78 -2.16
C ALA A 283 -12.01 -24.64 -0.75
N GLU A 284 -11.71 -25.63 0.07
CA GLU A 284 -12.19 -25.78 1.45
CA GLU A 284 -12.35 -25.67 1.37
C GLU A 284 -11.72 -24.58 2.25
N GLY A 285 -10.44 -24.24 2.04
CA GLY A 285 -9.88 -23.17 2.83
C GLY A 285 -10.56 -21.87 2.44
N ALA A 286 -10.83 -21.71 1.16
CA ALA A 286 -11.46 -20.46 0.70
C ALA A 286 -12.89 -20.41 1.26
N ARG A 287 -13.56 -21.57 1.27
CA ARG A 287 -14.88 -21.69 1.85
C ARG A 287 -14.89 -21.33 3.33
N ALA A 288 -14.03 -21.95 4.13
CA ALA A 288 -14.00 -21.60 5.55
C ALA A 288 -13.69 -20.09 5.79
N LEU A 289 -12.83 -19.47 4.97
CA LEU A 289 -12.60 -18.02 5.13
C LEU A 289 -13.87 -17.20 4.81
N ILE A 290 -14.60 -17.60 3.81
CA ILE A 290 -15.76 -16.84 3.42
C ILE A 290 -16.81 -16.94 4.55
N GLU A 291 -17.07 -18.17 4.98
CA GLU A 291 -17.90 -18.42 6.14
C GLU A 291 -17.51 -17.60 7.35
N ALA A 292 -16.22 -17.39 7.58
CA ALA A 292 -15.78 -16.61 8.75
C ALA A 292 -16.11 -15.15 8.56
N GLY A 293 -16.33 -14.72 7.32
CA GLY A 293 -16.70 -13.32 7.09
C GLY A 293 -15.78 -12.41 6.29
N VAL A 294 -14.75 -12.97 5.62
CA VAL A 294 -13.83 -12.12 4.88
C VAL A 294 -14.51 -11.38 3.72
N SER A 295 -13.97 -10.25 3.35
CA SER A 295 -14.39 -9.56 2.13
C SER A 295 -13.52 -9.96 0.94
N ALA A 296 -12.46 -10.74 1.17
CA ALA A 296 -11.56 -11.19 0.09
C ALA A 296 -10.74 -12.33 0.61
N VAL A 297 -10.43 -13.27 -0.30
CA VAL A 297 -9.64 -14.49 0.04
C VAL A 297 -8.22 -14.32 -0.50
N LYS A 298 -7.22 -14.40 0.38
CA LYS A 298 -5.85 -14.30 -0.10
C LYS A 298 -5.22 -15.69 -0.25
N VAL A 299 -4.65 -15.93 -1.42
CA VAL A 299 -4.22 -17.28 -1.76
C VAL A 299 -2.72 -17.35 -1.89
N GLY A 300 -2.11 -18.33 -1.20
CA GLY A 300 -0.73 -18.75 -1.51
C GLY A 300 -0.10 -19.40 -0.31
N ILE A 301 0.18 -20.68 -0.43
CA ILE A 301 0.88 -21.36 0.63
C ILE A 301 2.16 -21.88 -0.03
N GLY A 302 3.26 -21.16 0.25
CA GLY A 302 4.60 -21.56 -0.17
C GLY A 302 5.15 -21.02 -1.49
N PRO A 303 4.41 -20.19 -2.26
CA PRO A 303 5.04 -19.90 -3.54
C PRO A 303 6.01 -18.70 -3.44
N GLY A 304 6.10 -18.04 -2.29
CA GLY A 304 6.87 -16.79 -2.23
C GLY A 304 8.38 -16.95 -2.53
N SER A 305 8.95 -15.95 -3.20
CA SER A 305 10.40 -15.98 -3.52
C SER A 305 11.28 -16.33 -2.30
N ILE A 306 10.98 -15.74 -1.15
CA ILE A 306 11.81 -15.91 0.03
C ILE A 306 11.30 -17.04 0.97
N CYS A 307 10.38 -17.85 0.49
CA CYS A 307 9.68 -18.83 1.31
C CYS A 307 10.41 -20.14 1.31
N THR A 308 10.56 -20.75 2.47
CA THR A 308 11.05 -22.13 2.54
C THR A 308 10.03 -23.11 3.13
N THR A 309 8.78 -22.69 3.26
CA THR A 309 7.77 -23.55 3.85
C THR A 309 7.71 -24.91 3.15
N ARG A 310 7.71 -24.90 1.83
CA ARG A 310 7.52 -26.16 1.12
C ARG A 310 8.58 -27.16 1.45
N ILE A 311 9.81 -26.70 1.58
CA ILE A 311 10.94 -27.55 1.88
CA ILE A 311 10.88 -27.60 1.87
C ILE A 311 11.02 -27.95 3.37
N VAL A 312 10.75 -26.99 4.27
CA VAL A 312 10.88 -27.17 5.70
C VAL A 312 9.76 -28.10 6.15
N THR A 313 8.57 -27.95 5.57
CA THR A 313 7.36 -28.60 6.14
C THR A 313 6.80 -29.66 5.16
N GLY A 314 7.07 -29.46 3.88
CA GLY A 314 6.64 -30.42 2.84
C GLY A 314 5.25 -30.08 2.32
N VAL A 315 4.70 -28.94 2.77
CA VAL A 315 3.33 -28.60 2.49
C VAL A 315 3.28 -27.49 1.48
N GLY A 316 2.31 -27.53 0.58
CA GLY A 316 2.14 -26.38 -0.36
C GLY A 316 1.27 -26.75 -1.53
N VAL A 317 0.84 -25.77 -2.30
CA VAL A 317 0.10 -26.11 -3.46
C VAL A 317 0.59 -25.16 -4.53
N PRO A 318 1.08 -25.68 -5.67
CA PRO A 318 1.39 -24.84 -6.81
C PRO A 318 0.35 -23.75 -7.08
N GLN A 319 0.83 -22.53 -7.32
CA GLN A 319 -0.01 -21.37 -7.17
C GLN A 319 -1.16 -21.20 -8.23
N ILE A 320 -0.99 -21.68 -9.44
CA ILE A 320 -2.09 -21.53 -10.41
C ILE A 320 -3.27 -22.42 -10.00
N THR A 321 -2.98 -23.66 -9.55
CA THR A 321 -4.03 -24.54 -9.05
C THR A 321 -4.60 -23.98 -7.73
N ALA A 322 -3.77 -23.46 -6.83
CA ALA A 322 -4.27 -22.88 -5.59
C ALA A 322 -5.25 -21.76 -5.89
N ILE A 323 -4.90 -20.83 -6.77
CA ILE A 323 -5.81 -19.78 -7.22
C ILE A 323 -7.16 -20.30 -7.78
N ALA A 324 -7.11 -21.18 -8.78
CA ALA A 324 -8.33 -21.66 -9.44
C ALA A 324 -9.21 -22.38 -8.44
N ASP A 325 -8.61 -23.15 -7.54
CA ASP A 325 -9.42 -23.89 -6.56
C ASP A 325 -10.10 -22.90 -5.61
N ALA A 326 -9.35 -21.91 -5.11
CA ALA A 326 -9.93 -20.95 -4.20
C ALA A 326 -10.96 -20.11 -4.96
N ALA A 327 -10.66 -19.70 -6.18
CA ALA A 327 -11.65 -18.93 -6.95
C ALA A 327 -12.94 -19.74 -7.29
N GLY A 328 -12.80 -21.04 -7.51
CA GLY A 328 -13.99 -21.91 -7.81
C GLY A 328 -15.13 -21.73 -6.77
N VAL A 329 -14.75 -21.61 -5.51
CA VAL A 329 -15.66 -21.34 -4.41
C VAL A 329 -15.96 -19.85 -4.30
N ALA A 330 -14.90 -19.04 -4.26
CA ALA A 330 -15.09 -17.65 -3.96
C ALA A 330 -15.98 -16.97 -4.99
N ASN A 331 -15.89 -17.42 -6.25
CA ASN A 331 -16.80 -16.91 -7.31
C ASN A 331 -18.29 -17.10 -6.95
N GLU A 332 -18.62 -18.17 -6.22
CA GLU A 332 -20.03 -18.51 -6.00
CA GLU A 332 -20.02 -18.56 -5.92
C GLU A 332 -20.65 -17.52 -4.97
N TYR A 333 -19.82 -16.79 -4.25
CA TYR A 333 -20.25 -15.81 -3.26
C TYR A 333 -19.90 -14.39 -3.67
N GLY A 334 -19.40 -14.16 -4.89
CA GLY A 334 -19.04 -12.80 -5.34
C GLY A 334 -17.80 -12.19 -4.65
N ILE A 335 -17.00 -13.07 -4.00
CA ILE A 335 -15.85 -12.69 -3.21
C ILE A 335 -14.51 -12.68 -4.04
N PRO A 336 -13.81 -11.52 -4.11
CA PRO A 336 -12.55 -11.55 -4.90
C PRO A 336 -11.43 -12.38 -4.25
N VAL A 337 -10.57 -12.97 -5.11
CA VAL A 337 -9.35 -13.70 -4.68
C VAL A 337 -8.12 -12.81 -5.01
N ILE A 338 -7.20 -12.75 -4.04
CA ILE A 338 -5.90 -12.10 -4.15
C ILE A 338 -4.79 -13.18 -4.31
N ALA A 339 -4.06 -13.13 -5.41
CA ALA A 339 -3.00 -14.15 -5.65
C ALA A 339 -1.69 -13.62 -5.01
N ASP A 340 -1.22 -14.25 -3.93
CA ASP A 340 -0.11 -13.71 -3.09
C ASP A 340 1.12 -14.63 -3.12
N GLY A 341 2.17 -14.20 -3.81
CA GLY A 341 3.43 -14.89 -3.80
C GLY A 341 3.80 -15.53 -5.13
N GLY A 342 5.10 -15.53 -5.47
CA GLY A 342 5.52 -16.31 -6.62
C GLY A 342 5.39 -15.50 -7.89
N ILE A 343 4.99 -14.21 -7.83
CA ILE A 343 4.92 -13.40 -9.06
C ILE A 343 6.33 -12.90 -9.37
N ARG A 344 6.90 -13.24 -10.52
CA ARG A 344 8.29 -12.87 -10.79
C ARG A 344 8.40 -11.94 -11.99
N PHE A 345 7.52 -12.10 -12.98
CA PHE A 345 7.51 -11.34 -14.19
C PHE A 345 6.08 -10.91 -14.45
N SER A 346 5.87 -9.95 -15.36
CA SER A 346 4.52 -9.43 -15.57
C SER A 346 3.60 -10.50 -16.22
N GLY A 347 4.18 -11.41 -17.01
CA GLY A 347 3.39 -12.55 -17.45
C GLY A 347 2.80 -13.43 -16.35
N ASP A 348 3.41 -13.48 -15.17
CA ASP A 348 2.78 -14.20 -14.05
C ASP A 348 1.52 -13.49 -13.55
N ILE A 349 1.51 -12.15 -13.63
CA ILE A 349 0.31 -11.41 -13.21
C ILE A 349 -0.87 -11.77 -14.11
N SER A 350 -0.63 -11.84 -15.40
CA SER A 350 -1.65 -12.22 -16.41
C SER A 350 -2.22 -13.57 -16.09
N LYS A 351 -1.31 -14.51 -15.81
CA LYS A 351 -1.67 -15.85 -15.48
C LYS A 351 -2.42 -15.96 -14.19
N ALA A 352 -1.97 -15.29 -13.17
CA ALA A 352 -2.67 -15.38 -11.87
C ALA A 352 -4.11 -14.85 -12.01
N ILE A 353 -4.30 -13.79 -12.79
CA ILE A 353 -5.64 -13.24 -13.05
C ILE A 353 -6.51 -14.22 -13.82
N ALA A 354 -6.02 -14.75 -14.94
CA ALA A 354 -6.77 -15.72 -15.71
C ALA A 354 -7.10 -16.96 -14.93
N ALA A 355 -6.32 -17.25 -13.90
CA ALA A 355 -6.62 -18.43 -13.07
C ALA A 355 -7.74 -18.16 -12.11
N GLY A 356 -8.12 -16.88 -11.95
CA GLY A 356 -9.26 -16.53 -11.11
C GLY A 356 -9.06 -15.37 -10.16
N ALA A 357 -7.84 -14.83 -10.06
CA ALA A 357 -7.57 -13.77 -9.09
C ALA A 357 -7.99 -12.43 -9.62
N SER A 358 -8.42 -11.57 -8.71
CA SER A 358 -8.80 -10.19 -9.04
C SER A 358 -7.64 -9.24 -9.00
N CYS A 359 -6.63 -9.57 -8.22
CA CYS A 359 -5.37 -8.80 -8.23
C CYS A 359 -4.29 -9.69 -7.62
N VAL A 360 -3.06 -9.19 -7.60
CA VAL A 360 -1.93 -9.96 -7.11
C VAL A 360 -1.34 -9.18 -5.99
N MSE A 361 -0.84 -9.92 -5.01
CA MSE A 361 -0.06 -9.27 -3.96
C MSE A 361 1.42 -9.57 -4.28
O MSE A 361 1.76 -10.77 -4.51
CB MSE A 361 -0.38 -9.83 -2.58
CG MSE A 361 0.48 -9.17 -1.49
SE MSE A 361 0.05 -9.65 0.27
CE MSE A 361 -1.29 -8.22 0.62
N VAL A 362 2.28 -8.55 -4.28
CA VAL A 362 3.73 -8.73 -4.56
C VAL A 362 4.68 -8.22 -3.50
N GLY A 363 5.73 -9.00 -3.23
CA GLY A 363 6.88 -8.60 -2.37
C GLY A 363 8.12 -8.27 -3.19
N SER A 364 8.85 -9.30 -3.66
CA SER A 364 10.10 -9.07 -4.35
C SER A 364 9.93 -8.10 -5.50
N MSE A 365 8.79 -8.11 -6.19
CA MSE A 365 8.66 -7.25 -7.35
C MSE A 365 8.78 -5.75 -6.93
O MSE A 365 9.13 -4.90 -7.74
CB MSE A 365 7.36 -7.54 -8.09
CG MSE A 365 7.14 -6.74 -9.37
SE MSE A 365 5.62 -7.47 -10.40
CE MSE A 365 6.76 -8.79 -11.39
N PHE A 366 8.50 -5.44 -5.66
CA PHE A 366 8.46 -4.05 -5.24
C PHE A 366 9.61 -3.80 -4.32
N ALA A 367 10.13 -4.87 -3.74
CA ALA A 367 11.27 -4.74 -2.85
C ALA A 367 12.48 -4.22 -3.63
N GLY A 368 13.30 -3.42 -2.98
CA GLY A 368 14.40 -2.83 -3.70
C GLY A 368 14.07 -1.59 -4.52
N THR A 369 12.82 -1.16 -4.52
CA THR A 369 12.50 0.11 -5.15
C THR A 369 12.91 1.21 -4.17
N GLU A 370 13.05 2.43 -4.69
CA GLU A 370 13.45 3.54 -3.84
C GLU A 370 12.55 3.62 -2.62
N GLU A 371 11.25 3.42 -2.85
CA GLU A 371 10.24 3.67 -1.86
C GLU A 371 10.16 2.64 -0.74
N ALA A 372 10.61 1.42 -1.01
CA ALA A 372 10.55 0.35 -0.03
C ALA A 372 11.44 0.75 1.13
N PRO A 373 11.21 0.21 2.33
CA PRO A 373 12.08 0.55 3.46
C PRO A 373 13.52 0.09 3.26
N GLY A 374 14.44 0.67 4.04
CA GLY A 374 15.85 0.23 4.13
C GLY A 374 16.71 1.09 3.22
N GLU A 375 18.02 1.14 3.46
CA GLU A 375 18.88 1.94 2.57
C GLU A 375 19.53 1.07 1.51
N VAL A 376 20.06 1.69 0.46
CA VAL A 376 20.75 0.92 -0.59
C VAL A 376 22.07 0.33 -0.07
N ILE A 377 22.36 -0.89 -0.45
CA ILE A 377 23.60 -1.52 -0.03
C ILE A 377 24.43 -1.73 -1.29
N LEU A 378 25.75 -1.51 -1.18
CA LEU A 378 26.71 -1.89 -2.24
C LEU A 378 27.32 -3.24 -1.91
N TYR A 379 27.36 -4.14 -2.88
CA TYR A 379 27.96 -5.46 -2.68
C TYR A 379 28.60 -5.87 -3.97
N GLN A 380 29.93 -5.79 -4.00
CA GLN A 380 30.75 -5.98 -5.22
C GLN A 380 30.49 -4.90 -6.28
N GLY A 381 30.38 -3.65 -5.85
CA GLY A 381 30.11 -2.49 -6.73
C GLY A 381 28.75 -2.45 -7.46
N ARG A 382 27.69 -2.92 -6.80
CA ARG A 382 26.34 -3.00 -7.37
C ARG A 382 25.30 -2.70 -6.31
N SER A 383 24.15 -2.19 -6.74
CA SER A 383 23.15 -1.66 -5.81
C SER A 383 22.04 -2.67 -5.41
N TYR A 384 21.82 -2.85 -4.11
CA TYR A 384 20.80 -3.77 -3.60
C TYR A 384 20.04 -3.12 -2.46
N LYS A 385 18.91 -3.74 -2.09
CA LYS A 385 18.32 -3.59 -0.77
C LYS A 385 17.99 -4.94 -0.10
N ALA A 386 17.93 -4.90 1.22
CA ALA A 386 17.47 -6.00 2.03
C ALA A 386 16.04 -6.41 1.59
N TYR A 387 15.81 -7.72 1.49
CA TYR A 387 14.49 -8.30 1.37
C TYR A 387 14.46 -9.60 2.16
N ARG A 388 13.53 -9.72 3.11
CA ARG A 388 13.49 -10.92 3.95
C ARG A 388 12.07 -11.47 4.19
N GLY A 389 11.96 -12.79 4.29
CA GLY A 389 10.72 -13.42 4.72
C GLY A 389 10.28 -12.84 6.06
N MSE A 390 8.97 -12.70 6.26
CA MSE A 390 8.44 -12.27 7.56
C MSE A 390 8.52 -13.40 8.55
O MSE A 390 8.29 -13.22 9.73
CB MSE A 390 7.01 -11.70 7.45
CG MSE A 390 7.05 -10.29 6.84
SE MSE A 390 7.85 -8.97 8.12
CE MSE A 390 6.28 -8.64 9.18
N GLY A 391 8.91 -14.57 8.06
CA GLY A 391 9.11 -15.72 8.92
C GLY A 391 10.59 -16.09 8.99
N SER A 392 11.47 -15.22 8.50
CA SER A 392 12.92 -15.48 8.69
C SER A 392 13.30 -15.16 10.13
N LEU A 393 14.50 -15.61 10.55
CA LEU A 393 14.98 -15.35 11.92
C LEU A 393 15.03 -13.86 12.25
N GLY A 394 15.61 -13.08 11.32
CA GLY A 394 15.76 -11.62 11.52
C GLY A 394 14.41 -10.93 11.67
N ALA A 395 13.43 -11.32 10.85
CA ALA A 395 12.09 -10.68 10.89
C ALA A 395 11.35 -11.07 12.16
N MSE A 396 11.61 -12.29 12.60
CA MSE A 396 10.93 -12.82 13.74
C MSE A 396 11.60 -12.37 15.04
O MSE A 396 10.93 -12.22 16.07
CB MSE A 396 10.87 -14.33 13.66
CG MSE A 396 9.78 -14.85 12.70
SE MSE A 396 9.58 -16.76 12.98
CE MSE A 396 11.35 -17.51 12.55
N SER A 397 12.90 -12.15 15.01
CA SER A 397 13.64 -11.78 16.21
C SER A 397 13.21 -10.41 16.75
N LYS A 398 12.71 -9.52 15.90
CA LYS A 398 12.08 -8.26 16.36
C LYS A 398 10.77 -8.66 17.01
N GLY A 399 10.81 -9.82 17.67
CA GLY A 399 9.62 -10.57 18.06
C GLY A 399 8.70 -9.76 18.93
N SER A 400 9.01 -9.77 20.22
CA SER A 400 8.28 -9.00 21.22
C SER A 400 9.26 -8.85 22.36
N SER A 401 10.48 -9.30 22.07
CA SER A 401 11.53 -9.54 23.06
C SER A 401 12.36 -8.30 23.30
N ASP A 402 13.60 -8.51 23.69
CA ASP A 402 14.69 -7.61 23.41
C ASP A 402 15.93 -8.47 23.52
N ARG A 403 15.69 -9.78 23.49
CA ARG A 403 16.74 -10.79 23.61
C ARG A 403 17.29 -10.82 25.04
N TYR A 404 17.07 -9.73 25.77
CA TYR A 404 17.35 -9.66 27.20
C TYR A 404 16.45 -10.66 27.90
N PHE A 405 15.24 -10.79 27.37
CA PHE A 405 14.19 -11.62 27.94
C PHE A 405 14.12 -13.06 27.42
N GLN A 406 14.61 -13.29 26.20
CA GLN A 406 14.21 -14.48 25.42
C GLN A 406 14.79 -15.85 25.80
N THR A 407 16.07 -15.91 26.16
CA THR A 407 16.74 -17.20 26.44
C THR A 407 17.63 -17.12 27.69
N ALA A 411 17.07 -24.70 23.79
CA ALA A 411 16.39 -25.95 23.42
C ALA A 411 15.03 -25.65 22.81
N ASP A 412 14.83 -24.39 22.44
CA ASP A 412 13.53 -23.88 21.99
C ASP A 412 13.67 -22.84 20.84
N LYS A 413 14.80 -22.88 20.14
CA LYS A 413 15.05 -21.96 19.03
CA LYS A 413 15.07 -21.97 19.02
C LYS A 413 13.96 -22.04 17.96
N LEU A 414 13.64 -20.89 17.36
CA LEU A 414 12.64 -20.79 16.30
C LEU A 414 13.11 -21.60 15.08
N VAL A 415 12.18 -22.05 14.27
CA VAL A 415 12.51 -22.81 13.05
C VAL A 415 11.91 -22.01 11.91
N PRO A 416 12.76 -21.30 11.17
CA PRO A 416 12.32 -20.29 10.18
C PRO A 416 11.74 -20.92 8.91
N GLU A 417 10.78 -20.24 8.29
CA GLU A 417 10.19 -20.69 7.02
C GLU A 417 10.31 -19.62 5.94
N GLY A 418 11.35 -18.82 6.12
CA GLY A 418 11.69 -17.70 5.25
C GLY A 418 13.19 -17.45 5.36
N ILE A 419 13.76 -16.89 4.31
CA ILE A 419 15.17 -16.54 4.35
C ILE A 419 15.37 -15.05 4.31
N GLU A 420 16.61 -14.65 4.59
CA GLU A 420 17.02 -13.24 4.58
C GLU A 420 17.94 -13.09 3.39
N GLY A 421 17.74 -12.05 2.63
CA GLY A 421 18.54 -11.87 1.44
C GLY A 421 18.65 -10.43 0.97
N ARG A 422 19.12 -10.27 -0.25
CA ARG A 422 19.28 -8.97 -0.86
C ARG A 422 18.65 -9.05 -2.25
N ILE A 423 18.11 -7.93 -2.70
CA ILE A 423 17.46 -7.84 -4.00
C ILE A 423 17.98 -6.61 -4.74
N ALA A 424 18.19 -6.74 -6.05
CA ALA A 424 18.79 -5.68 -6.88
C ALA A 424 17.97 -4.42 -6.81
N TYR A 425 18.65 -3.30 -6.71
CA TYR A 425 17.96 -2.01 -6.69
C TYR A 425 17.15 -1.78 -7.99
N LYS A 426 15.89 -1.42 -7.82
CA LYS A 426 14.94 -1.25 -8.92
C LYS A 426 14.69 0.23 -9.33
N GLY A 427 15.08 1.18 -8.48
CA GLY A 427 14.74 2.61 -8.74
C GLY A 427 13.33 2.94 -8.23
N HIS A 428 12.61 3.81 -8.94
CA HIS A 428 11.27 4.25 -8.51
C HIS A 428 10.14 3.31 -8.81
N LEU A 429 9.23 3.20 -7.84
CA LEU A 429 8.10 2.29 -7.94
C LEU A 429 7.27 2.57 -9.16
N LYS A 430 7.10 3.85 -9.48
CA LYS A 430 6.23 4.24 -10.58
C LYS A 430 6.66 3.58 -11.89
N GLU A 431 7.96 3.54 -12.15
CA GLU A 431 8.48 2.98 -13.39
C GLU A 431 8.30 1.46 -13.46
N ILE A 432 8.47 0.80 -12.32
CA ILE A 432 8.23 -0.63 -12.17
C ILE A 432 6.80 -0.99 -12.47
N ILE A 433 5.87 -0.32 -11.80
CA ILE A 433 4.46 -0.50 -12.09
C ILE A 433 4.19 -0.28 -13.57
N HIS A 434 4.73 0.78 -14.15
CA HIS A 434 4.44 1.02 -15.57
C HIS A 434 5.01 -0.09 -16.42
N GLN A 435 6.21 -0.55 -16.09
CA GLN A 435 6.75 -1.72 -16.82
C GLN A 435 5.83 -2.95 -16.74
N GLN A 436 5.41 -3.29 -15.53
CA GLN A 436 4.62 -4.47 -15.31
C GLN A 436 3.22 -4.37 -15.92
N MSE A 437 2.59 -3.19 -15.80
CA MSE A 437 1.22 -3.05 -16.31
C MSE A 437 1.26 -3.01 -17.84
O MSE A 437 0.34 -3.42 -18.49
CB MSE A 437 0.55 -1.81 -15.71
CG MSE A 437 0.17 -1.96 -14.19
SE MSE A 437 -0.96 -3.46 -13.81
CE MSE A 437 0.26 -4.92 -13.53
N GLY A 438 2.32 -2.48 -18.40
CA GLY A 438 2.56 -2.64 -19.85
C GLY A 438 2.34 -4.10 -20.29
N GLY A 439 2.83 -5.05 -19.50
CA GLY A 439 2.86 -6.41 -19.96
C GLY A 439 1.46 -6.98 -19.80
N LEU A 440 0.82 -6.61 -18.71
CA LEU A 440 -0.60 -6.94 -18.59
C LEU A 440 -1.38 -6.38 -19.77
N ARG A 441 -1.13 -5.11 -20.14
CA ARG A 441 -2.01 -4.49 -21.13
C ARG A 441 -1.86 -5.27 -22.42
N SER A 442 -0.62 -5.57 -22.76
CA SER A 442 -0.32 -6.30 -23.97
C SER A 442 -1.00 -7.70 -24.03
N CYS A 443 -1.05 -8.38 -22.88
CA CYS A 443 -1.73 -9.67 -22.77
C CYS A 443 -3.21 -9.46 -22.98
N MSE A 444 -3.77 -8.40 -22.37
CA MSE A 444 -5.19 -8.18 -22.61
C MSE A 444 -5.50 -7.96 -24.11
O MSE A 444 -6.52 -8.42 -24.65
CB MSE A 444 -5.71 -7.09 -21.70
CG MSE A 444 -5.73 -7.57 -20.26
SE MSE A 444 -5.91 -6.16 -19.01
CE MSE A 444 -7.79 -5.93 -19.50
N GLY A 445 -4.60 -7.28 -24.81
CA GLY A 445 -4.78 -7.15 -26.27
C GLY A 445 -4.66 -8.50 -26.95
N LEU A 446 -3.73 -9.34 -26.46
CA LEU A 446 -3.47 -10.62 -27.11
C LEU A 446 -4.62 -11.58 -26.90
N THR A 447 -5.23 -11.47 -25.73
CA THR A 447 -6.31 -12.39 -25.40
C THR A 447 -7.69 -11.79 -25.68
N GLY A 448 -7.73 -10.54 -26.16
CA GLY A 448 -9.01 -9.88 -26.46
C GLY A 448 -9.86 -9.70 -25.21
N SER A 449 -9.24 -9.33 -24.09
CA SER A 449 -9.93 -9.07 -22.81
C SER A 449 -9.99 -7.57 -22.62
N ALA A 450 -11.21 -6.99 -22.64
CA ALA A 450 -11.37 -5.56 -22.49
C ALA A 450 -11.10 -5.13 -21.06
N THR A 451 -11.52 -5.95 -20.10
CA THR A 451 -11.47 -5.61 -18.65
C THR A 451 -10.77 -6.75 -17.91
N VAL A 452 -10.41 -6.51 -16.65
CA VAL A 452 -9.76 -7.47 -15.86
C VAL A 452 -10.66 -8.68 -15.66
N GLU A 453 -11.95 -8.40 -15.45
CA GLU A 453 -12.98 -9.45 -15.39
C GLU A 453 -12.92 -10.38 -16.60
N ASP A 454 -12.79 -9.86 -17.83
CA ASP A 454 -12.84 -10.75 -18.99
C ASP A 454 -11.62 -11.69 -18.98
N LEU A 455 -10.44 -11.15 -18.68
CA LEU A 455 -9.23 -12.00 -18.54
C LEU A 455 -9.47 -13.03 -17.46
N ARG A 456 -10.10 -12.60 -16.37
CA ARG A 456 -10.21 -13.45 -15.23
C ARG A 456 -11.19 -14.58 -15.45
N THR A 457 -12.18 -14.38 -16.32
CA THR A 457 -13.26 -15.37 -16.44
C THR A 457 -13.31 -16.00 -17.81
N LYS A 458 -12.72 -15.38 -18.81
CA LYS A 458 -12.85 -15.97 -20.14
C LYS A 458 -11.57 -16.46 -20.79
N ALA A 459 -10.40 -15.98 -20.36
CA ALA A 459 -9.15 -16.38 -21.03
C ALA A 459 -8.87 -17.86 -20.84
N GLN A 460 -8.22 -18.48 -21.80
CA GLN A 460 -7.94 -19.90 -21.75
C GLN A 460 -6.44 -20.14 -21.61
N PHE A 461 -6.07 -21.23 -20.93
CA PHE A 461 -4.68 -21.69 -20.88
C PHE A 461 -4.41 -22.90 -21.79
N VAL A 462 -3.14 -23.09 -22.16
CA VAL A 462 -2.62 -24.41 -22.49
C VAL A 462 -1.56 -24.82 -21.47
N ARG A 463 -1.42 -26.13 -21.30
CA ARG A 463 -0.46 -26.67 -20.39
C ARG A 463 0.80 -26.88 -21.25
N ILE A 464 1.98 -26.57 -20.72
CA ILE A 464 3.22 -26.78 -21.54
C ILE A 464 4.24 -27.67 -20.80
N SER A 465 5.23 -28.25 -21.47
CA SER A 465 6.29 -29.06 -20.81
C SER A 465 7.47 -28.16 -20.33
N GLY A 466 8.45 -28.70 -19.66
CA GLY A 466 9.70 -27.88 -19.47
C GLY A 466 10.30 -27.38 -20.76
N ALA A 467 10.17 -28.16 -21.84
CA ALA A 467 10.75 -27.69 -23.07
C ALA A 467 9.95 -26.49 -23.60
N GLY A 468 8.63 -26.49 -23.43
CA GLY A 468 7.80 -25.35 -23.85
C GLY A 468 8.19 -24.06 -23.13
N MSE A 469 8.58 -24.20 -21.86
CA MSE A 469 8.93 -23.01 -21.05
C MSE A 469 10.29 -22.42 -21.50
O MSE A 469 10.42 -21.20 -21.53
CB MSE A 469 8.86 -23.25 -19.52
CG MSE A 469 8.81 -21.91 -18.69
SE MSE A 469 7.33 -20.62 -19.09
CE MSE A 469 8.08 -18.96 -18.36
N LYS A 470 11.24 -23.27 -21.91
CA LYS A 470 12.50 -22.80 -22.47
C LYS A 470 12.35 -22.00 -23.79
N GLU A 471 11.40 -22.43 -24.61
CA GLU A 471 11.09 -21.73 -25.87
C GLU A 471 10.50 -20.34 -25.57
N SER A 472 9.92 -20.19 -24.38
CA SER A 472 9.18 -18.99 -24.00
C SER A 472 10.11 -17.84 -23.63
N HIS A 473 11.05 -18.14 -22.76
CA HIS A 473 12.23 -17.34 -22.55
C HIS A 473 13.00 -16.90 -23.78
N VAL A 474 13.92 -15.96 -23.57
CA VAL A 474 15.01 -15.77 -24.54
C VAL A 474 15.89 -17.03 -24.60
N HIS A 475 16.33 -17.38 -25.82
CA HIS A 475 17.09 -18.61 -26.04
C HIS A 475 17.95 -18.44 -27.23
N ASP A 476 19.13 -19.05 -27.20
CA ASP A 476 20.05 -19.12 -28.35
C ASP A 476 20.59 -17.79 -28.90
N VAL A 477 20.69 -16.74 -28.06
CA VAL A 477 21.29 -15.45 -28.45
C VAL A 477 21.94 -14.81 -27.19
N GLN A 478 22.99 -13.99 -27.35
CA GLN A 478 23.56 -13.28 -26.19
C GLN A 478 22.88 -11.93 -25.96
N ILE A 479 22.12 -11.78 -24.87
CA ILE A 479 21.56 -10.48 -24.50
C ILE A 479 22.67 -9.45 -24.28
N THR A 480 22.63 -8.32 -24.98
CA THR A 480 23.65 -7.27 -24.79
C THR A 480 23.16 -6.14 -23.90
N LYS A 481 21.84 -5.98 -23.81
CA LYS A 481 21.27 -4.90 -22.97
C LYS A 481 20.10 -5.41 -22.14
N GLU A 482 20.00 -4.95 -20.88
CA GLU A 482 18.85 -5.35 -20.06
C GLU A 482 17.57 -4.60 -20.45
N ALA A 483 16.54 -5.39 -20.78
CA ALA A 483 15.18 -4.92 -21.05
C ALA A 483 14.45 -4.66 -19.72
N PRO A 484 13.68 -3.56 -19.62
CA PRO A 484 13.04 -3.11 -18.34
C PRO A 484 11.95 -4.04 -17.71
N ASN A 485 11.49 -5.03 -18.49
CA ASN A 485 10.45 -6.00 -18.09
C ASN A 485 10.88 -7.50 -18.01
N TYR A 486 12.19 -7.68 -18.17
CA TYR A 486 12.80 -8.99 -18.29
C TYR A 486 14.14 -9.01 -17.54
P IMP B . 7.03 -12.82 -3.36
O1P IMP B . 6.34 -11.78 -4.21
O2P IMP B . 8.37 -12.18 -2.82
O3P IMP B . 7.15 -14.04 -4.37
O5' IMP B . 6.14 -13.37 -2.16
C5' IMP B . 5.75 -12.52 -1.07
C4' IMP B . 4.84 -13.31 -0.16
O4' IMP B . 5.46 -14.39 0.56
C3' IMP B . 4.20 -12.45 0.97
O3' IMP B . 3.14 -11.64 0.41
C2' IMP B . 3.70 -13.47 1.96
O2' IMP B . 2.61 -14.18 1.33
C1' IMP B . 4.74 -14.58 1.82
N9 IMP B . 5.78 -14.52 2.83
C8 IMP B . 6.29 -13.44 3.42
N7 IMP B . 7.22 -13.84 4.29
C5 IMP B . 7.30 -15.19 4.22
C6 IMP B . 8.12 -16.15 4.83
O6 IMP B . 9.00 -15.82 5.65
N1 IMP B . 7.90 -17.47 4.55
C2 IMP B . 6.98 -17.79 3.64
N3 IMP B . 6.20 -16.87 3.01
C4 IMP B . 6.38 -15.59 3.29
C1 MOA C . 3.33 -19.10 3.59
C2 MOA C . 5.17 -16.39 8.56
C3 MOA C . 4.92 -15.75 9.72
C4 MOA C . 4.84 -16.60 10.98
C5 MOA C . 3.55 -16.34 11.76
C6 MOA C . 2.39 -17.21 11.32
C7 MOA C . 1.04 -14.78 4.23
C8 MOA C . 2.04 -13.77 7.37
C9 MOA C . 4.70 -14.26 9.80
C10 MOA C . 1.54 -17.63 3.00
C11 MOA C . 2.38 -16.99 4.07
C12 MOA C . 2.19 -15.65 4.69
C13 MOA C . 3.16 -15.22 5.73
C14 MOA C . 4.27 -16.14 6.16
C15 MOA C . 4.44 -17.48 5.53
C16 MOA C . 3.46 -17.89 4.48
C17 MOA C . 5.25 -15.65 7.24
O1 MOA C . 4.05 -20.07 3.46
O2 MOA C . 2.19 -18.90 2.72
O3 MOA C . 3.02 -13.99 6.34
O4 MOA C . 5.45 -18.32 5.90
O5 MOA C . 2.04 -18.17 12.05
O6 MOA C . 1.81 -16.92 10.26
K K D . 9.26 -20.76 -2.19
#